data_5ZC5
#
_entry.id   5ZC5
#
_cell.length_a   120.698
_cell.length_b   120.698
_cell.length_c   42.769
_cell.angle_alpha   90.00
_cell.angle_beta   90.00
_cell.angle_gamma   120.00
#
_symmetry.space_group_name_H-M   'H 3'
#
loop_
_entity.id
_entity.type
_entity.pdbx_description
1 polymer 'Urokinase-type plasminogen activator chain B'
2 non-polymer 3-azanyl-5-(azepan-1-yl)-N-carbamimidoyl-6-(4-fluoranyl-1-benzofuran-2-yl)pyrazine-2-carboxamide
3 water water
#
_entity_poly.entity_id   1
_entity_poly.type   'polypeptide(L)'
_entity_poly.pdbx_seq_one_letter_code
;IIGGEFTTIENQPWFAAIYRRHRGGSVTYVCGGSLISPCWVISATHCFIDYPKKEDYIVYLGRSRLNSNTQGEMKFEVEN
LILHKDYSADTLAHHNDIALLKIRSKEGRCAQPSRTIQTIALPSMYNDPQFGTSCEITGFGKEQSTDYLYPEQLKMTVVK
LISHRECQQPHYYGSEVTTKMLCAADPQWKTDSCQGDSGGPLVCSLQGRMTLTGIVSWGRGCALKDKPGVYTRVSHFLPW
IRSHTKEENGLAL
;
_entity_poly.pdbx_strand_id   U
#
# COMPACT_ATOMS: atom_id res chain seq x y z
N ILE A 1 -0.34 6.44 -9.13
CA ILE A 1 0.46 5.59 -10.05
C ILE A 1 0.81 6.43 -11.28
N ILE A 2 2.11 6.64 -11.50
CA ILE A 2 2.62 7.32 -12.68
C ILE A 2 2.73 6.30 -13.81
N GLY A 3 2.19 6.60 -14.98
CA GLY A 3 2.18 5.64 -16.08
C GLY A 3 1.26 4.46 -15.73
N GLY A 4 1.65 3.25 -16.15
CA GLY A 4 0.82 2.08 -15.94
C GLY A 4 -0.50 2.17 -16.67
N GLU A 5 -1.52 1.56 -16.08
CA GLU A 5 -2.78 1.37 -16.78
C GLU A 5 -3.96 1.44 -15.80
N PHE A 6 -5.12 1.85 -16.30
CA PHE A 6 -6.32 1.77 -15.49
C PHE A 6 -6.71 0.31 -15.31
N THR A 7 -7.36 0.05 -14.19
CA THR A 7 -7.78 -1.30 -13.83
C THR A 7 -9.07 -1.21 -13.05
N THR A 8 -9.56 -2.34 -12.59
CA THR A 8 -10.71 -2.41 -11.72
C THR A 8 -10.41 -3.37 -10.58
N ILE A 9 -11.28 -3.35 -9.58
CA ILE A 9 -11.02 -4.10 -8.35
C ILE A 9 -10.91 -5.61 -8.55
N GLU A 10 -11.54 -6.15 -9.59
CA GLU A 10 -11.40 -7.59 -9.90
C GLU A 10 -9.95 -8.02 -10.15
N ASN A 11 -9.11 -7.10 -10.63
CA ASN A 11 -7.69 -7.38 -10.85
C ASN A 11 -6.78 -7.19 -9.63
N GLN A 12 -7.36 -6.74 -8.52
CA GLN A 12 -6.64 -6.54 -7.26
C GLN A 12 -7.66 -6.53 -6.12
N PRO A 13 -8.41 -7.66 -5.96
CA PRO A 13 -9.58 -7.71 -5.06
C PRO A 13 -9.30 -7.62 -3.55
N TRP A 14 -8.03 -7.66 -3.17
CA TRP A 14 -7.57 -7.38 -1.79
C TRP A 14 -7.32 -5.90 -1.53
N PHE A 15 -7.42 -5.06 -2.55
CA PHE A 15 -7.13 -3.63 -2.41
C PHE A 15 -8.19 -2.93 -1.55
N ALA A 16 -7.72 -2.23 -0.52
CA ALA A 16 -8.58 -1.50 0.39
C ALA A 16 -8.37 -0.02 0.16
N ALA A 17 -9.46 0.71 0.06
CA ALA A 17 -9.46 2.18 -0.07
C ALA A 17 -9.81 2.80 1.27
N ILE A 18 -8.88 3.58 1.82
CA ILE A 18 -8.98 4.16 3.16
C ILE A 18 -9.17 5.69 3.10
N TYR A 19 -10.25 6.15 3.74
CA TYR A 19 -10.64 7.57 3.75
C TYR A 19 -10.72 8.06 5.18
N ARG A 20 -10.74 9.36 5.37
CA ARG A 20 -10.94 9.94 6.70
C ARG A 20 -12.06 10.94 6.73
N ARG A 21 -12.93 10.88 7.74
CA ARG A 21 -13.93 11.91 7.91
C ARG A 21 -13.37 13.13 8.57
N HIS A 22 -13.78 14.27 8.07
CA HIS A 22 -13.50 15.53 8.68
C HIS A 22 -14.60 16.03 9.60
N ARG A 23 -14.18 16.99 10.39
CA ARG A 23 -15.05 17.92 11.07
C ARG A 23 -15.88 18.63 10.01
N GLY A 24 -17.17 18.62 10.18
CA GLY A 24 -18.05 19.13 9.18
C GLY A 24 -18.60 18.04 8.29
N GLY A 25 -17.97 16.89 8.34
CA GLY A 25 -18.45 15.73 7.63
C GLY A 25 -17.96 15.43 6.22
N SER A 26 -17.06 16.22 5.68
CA SER A 26 -16.44 15.85 4.43
C SER A 26 -15.53 14.63 4.59
N VAL A 27 -15.45 13.79 3.56
CA VAL A 27 -14.63 12.60 3.55
C VAL A 27 -13.62 12.63 2.39
N THR A 28 -12.35 12.41 2.69
CA THR A 28 -11.30 12.48 1.70
C THR A 28 -10.47 11.23 1.70
N TYR A 29 -9.82 10.93 0.59
CA TYR A 29 -9.02 9.72 0.48
C TYR A 29 -7.71 9.90 1.22
N VAL A 30 -7.29 8.85 1.91
CA VAL A 30 -6.06 8.86 2.70
C VAL A 30 -4.98 8.03 2.02
N CYS A 31 -5.21 6.73 1.93
CA CYS A 31 -4.18 5.77 1.52
C CYS A 31 -4.84 4.46 1.09
N GLY A 32 -4.05 3.62 0.42
CA GLY A 32 -4.42 2.25 0.11
C GLY A 32 -4.10 1.29 1.26
N GLY A 33 -4.54 0.06 1.11
CA GLY A 33 -4.25 -1.03 2.06
C GLY A 33 -4.50 -2.36 1.37
N SER A 34 -4.22 -3.46 2.06
CA SER A 34 -4.43 -4.80 1.53
C SER A 34 -5.13 -5.69 2.55
N LEU A 35 -6.18 -6.38 2.11
CA LEU A 35 -6.93 -7.28 2.97
C LEU A 35 -6.13 -8.56 3.11
N ILE A 36 -5.68 -8.86 4.33
CA ILE A 36 -4.88 -10.06 4.60
C ILE A 36 -5.70 -11.14 5.31
N SER A 37 -6.85 -10.78 5.87
CA SER A 37 -7.82 -11.74 6.36
C SER A 37 -9.16 -11.02 6.41
N PRO A 38 -10.26 -11.76 6.63
CA PRO A 38 -11.57 -11.11 6.63
C PRO A 38 -11.68 -9.84 7.48
N CYS A 39 -11.05 -9.83 8.66
CA CYS A 39 -11.16 -8.70 9.58
C CYS A 39 -9.97 -7.72 9.59
N TRP A 40 -8.94 -7.97 8.79
CA TRP A 40 -7.68 -7.20 8.89
C TRP A 40 -7.16 -6.66 7.58
N VAL A 41 -6.91 -5.35 7.56
CA VAL A 41 -6.27 -4.65 6.45
C VAL A 41 -4.91 -4.17 6.91
N ILE A 42 -3.90 -4.33 6.04
CA ILE A 42 -2.55 -3.89 6.36
C ILE A 42 -2.20 -2.69 5.47
N SER A 43 -1.50 -1.72 6.03
CA SER A 43 -1.23 -0.46 5.35
C SER A 43 0.07 0.14 5.91
N ALA A 44 0.25 1.45 5.76
CA ALA A 44 1.46 2.15 6.22
C ALA A 44 1.09 3.08 7.39
N THR A 45 1.90 3.04 8.44
CA THR A 45 1.74 3.94 9.61
C THR A 45 1.75 5.42 9.22
N HIS A 46 2.57 5.83 8.25
CA HIS A 46 2.67 7.28 7.94
C HIS A 46 1.35 7.88 7.47
N CYS A 47 0.47 7.03 6.93
CA CYS A 47 -0.87 7.43 6.54
C CYS A 47 -1.74 7.97 7.66
N PHE A 48 -1.51 7.51 8.89
CA PHE A 48 -2.40 7.75 10.01
C PHE A 48 -1.77 8.54 11.15
N ILE A 49 -0.45 8.75 11.11
CA ILE A 49 0.29 9.21 12.29
C ILE A 49 -0.17 10.61 12.75
N ASP A 50 -0.55 11.47 11.81
CA ASP A 50 -1.03 12.82 12.12
C ASP A 50 -2.46 12.87 12.66
N TYR A 51 -3.27 11.85 12.36
CA TYR A 51 -4.63 11.74 12.91
C TYR A 51 -4.84 10.31 13.40
N PRO A 52 -4.24 9.94 14.53
CA PRO A 52 -4.20 8.53 14.94
C PRO A 52 -5.47 7.98 15.64
N LYS A 53 -6.62 8.61 15.39
CA LYS A 53 -7.90 8.22 16.00
C LYS A 53 -8.70 7.34 15.03
N LYS A 54 -8.92 6.09 15.42
CA LYS A 54 -9.64 5.09 14.60
C LYS A 54 -11.02 5.53 14.09
N GLU A 55 -11.75 6.30 14.89
CA GLU A 55 -13.11 6.72 14.54
C GLU A 55 -13.15 7.73 13.37
N ASP A 56 -12.01 8.33 13.04
CA ASP A 56 -11.91 9.23 11.90
C ASP A 56 -11.85 8.52 10.54
N TYR A 57 -11.75 7.18 10.51
CA TYR A 57 -11.48 6.47 9.25
C TYR A 57 -12.60 5.56 8.76
N ILE A 58 -12.65 5.42 7.43
CA ILE A 58 -13.58 4.56 6.73
C ILE A 58 -12.77 3.71 5.76
N VAL A 59 -13.09 2.43 5.67
CA VAL A 59 -12.41 1.51 4.77
C VAL A 59 -13.44 0.90 3.82
N TYR A 60 -13.14 0.97 2.52
CA TYR A 60 -13.94 0.29 1.51
C TYR A 60 -13.17 -0.86 0.91
N LEU A 61 -13.87 -1.96 0.72
CA LEU A 61 -13.39 -3.08 -0.07
C LEU A 61 -14.30 -3.22 -1.29
N GLY A 62 -13.78 -3.84 -2.35
CA GLY A 62 -14.54 -4.00 -3.58
C GLY A 62 -14.81 -2.72 -4.34
N ARG A 63 -13.95 -1.72 -4.17
CA ARG A 63 -14.18 -0.39 -4.76
C ARG A 63 -13.16 -0.11 -5.86
N SER A 64 -13.64 0.24 -7.05
CA SER A 64 -12.81 0.52 -8.23
C SER A 64 -12.67 2.00 -8.54
N ARG A 65 -13.48 2.85 -7.91
CA ARG A 65 -13.47 4.29 -8.16
C ARG A 65 -13.41 5.10 -6.88
N LEU A 66 -12.83 6.30 -6.98
CA LEU A 66 -12.44 7.09 -5.81
C LEU A 66 -13.63 7.74 -5.10
N ASN A 67 -14.48 8.42 -5.87
CA ASN A 67 -15.57 9.22 -5.32
C ASN A 67 -16.94 8.83 -5.82
N SER A 68 -17.07 7.60 -6.32
CA SER A 68 -18.36 7.04 -6.70
C SER A 68 -18.37 5.58 -6.30
N ASN A 69 -19.55 5.09 -5.94
CA ASN A 69 -19.66 3.74 -5.40
C ASN A 69 -19.48 2.73 -6.52
N THR A 70 -18.90 1.59 -6.19
CA THR A 70 -18.78 0.44 -7.09
C THR A 70 -19.82 -0.57 -6.64
N GLN A 71 -20.49 -1.19 -7.60
CA GLN A 71 -21.47 -2.22 -7.28
C GLN A 71 -20.79 -3.39 -6.56
N GLY A 72 -21.37 -3.79 -5.42
CA GLY A 72 -20.86 -4.88 -4.60
C GLY A 72 -19.85 -4.48 -3.53
N GLU A 73 -19.50 -3.19 -3.43
CA GLU A 73 -18.51 -2.75 -2.45
C GLU A 73 -19.00 -2.94 -1.02
N MET A 74 -18.07 -2.96 -0.06
CA MET A 74 -18.42 -3.00 1.36
C MET A 74 -17.69 -1.88 2.10
N LYS A 75 -18.38 -1.28 3.06
CA LYS A 75 -17.88 -0.13 3.82
C LYS A 75 -17.73 -0.55 5.27
N PHE A 76 -16.58 -0.20 5.87
CA PHE A 76 -16.24 -0.60 7.23
C PHE A 76 -15.76 0.58 8.07
N GLU A 77 -16.11 0.56 9.35
CA GLU A 77 -15.44 1.40 10.34
C GLU A 77 -14.20 0.67 10.83
N VAL A 78 -13.32 1.41 11.50
CA VAL A 78 -12.05 0.87 12.00
C VAL A 78 -12.23 0.55 13.49
N GLU A 79 -12.36 -0.73 13.79
CA GLU A 79 -12.48 -1.19 15.17
C GLU A 79 -11.15 -1.06 15.92
N ASN A 80 -10.04 -1.09 15.18
CA ASN A 80 -8.71 -1.16 15.77
C ASN A 80 -7.69 -0.56 14.81
N LEU A 81 -6.99 0.48 15.25
CA LEU A 81 -5.91 1.09 14.46
C LEU A 81 -4.59 0.83 15.18
N ILE A 82 -3.76 -0.05 14.61
CA ILE A 82 -2.51 -0.47 15.21
C ILE A 82 -1.33 0.06 14.39
N LEU A 83 -0.63 1.05 14.93
CA LEU A 83 0.55 1.62 14.31
C LEU A 83 1.77 0.99 14.92
N HIS A 84 2.88 0.96 14.18
CA HIS A 84 4.09 0.27 14.63
C HIS A 84 4.83 1.14 15.64
N LYS A 85 5.01 0.60 16.85
CA LYS A 85 5.69 1.31 17.97
C LYS A 85 7.06 1.93 17.62
N ASP A 86 7.77 1.29 16.71
CA ASP A 86 9.09 1.68 16.31
C ASP A 86 9.17 2.57 15.07
N TYR A 87 8.05 3.10 14.65
CA TYR A 87 7.99 3.94 13.49
C TYR A 87 8.84 5.16 13.71
N SER A 88 9.47 5.65 12.67
CA SER A 88 10.09 6.94 12.70
C SER A 88 10.16 7.52 11.31
N ALA A 89 10.27 8.82 11.22
CA ALA A 89 10.50 9.42 9.93
C ALA A 89 11.62 10.42 9.93
N ASP A 90 12.62 10.10 8.86
CA ASP A 90 13.60 11.15 8.66
C ASP A 90 13.10 11.99 7.56
N THR A 91 13.88 12.91 6.97
CA THR A 91 13.42 13.82 5.93
C THR A 91 12.68 13.11 4.81
N LEU A 92 13.17 11.95 4.42
CA LEU A 92 12.61 11.19 3.34
C LEU A 92 12.06 9.87 3.82
N ALA A 93 12.92 9.09 4.43
CA ALA A 93 12.62 7.76 4.74
C ALA A 93 11.67 7.65 5.87
N HIS A 94 10.89 6.59 5.89
CA HIS A 94 10.08 6.22 7.02
C HIS A 94 10.51 4.85 7.44
N HIS A 95 10.73 4.64 8.71
CA HIS A 95 11.13 3.36 9.20
C HIS A 95 9.98 2.68 9.86
N ASN A 96 9.93 1.37 9.69
CA ASN A 96 8.86 0.57 10.21
C ASN A 96 7.49 1.07 9.78
N ASP A 97 7.33 1.39 8.51
CA ASP A 97 6.14 2.04 8.02
C ASP A 97 5.08 1.02 7.75
N ILE A 98 4.43 0.53 8.80
CA ILE A 98 3.49 -0.58 8.70
C ILE A 98 2.41 -0.41 9.76
N ALA A 99 1.17 -0.68 9.36
CA ALA A 99 0.00 -0.48 10.22
C ALA A 99 -1.03 -1.54 9.95
N LEU A 100 -1.79 -1.91 10.98
CA LEU A 100 -2.91 -2.84 10.85
C LEU A 100 -4.20 -2.13 11.22
N LEU A 101 -5.23 -2.36 10.40
CA LEU A 101 -6.57 -1.87 10.68
C LEU A 101 -7.51 -3.08 10.81
N LYS A 102 -8.12 -3.25 11.98
CA LYS A 102 -9.19 -4.24 12.14
C LYS A 102 -10.51 -3.59 11.73
N ILE A 103 -11.17 -4.22 10.75
CA ILE A 103 -12.37 -3.64 10.13
C ILE A 103 -13.64 -4.30 10.64
N ARG A 104 -14.63 -3.49 10.93
CA ARG A 104 -15.93 -3.96 11.35
C ARG A 104 -17.01 -3.09 10.75
N SER A 105 -18.06 -3.69 10.22
CA SER A 105 -19.15 -2.95 9.62
C SER A 105 -20.11 -2.45 10.68
N LYS A 106 -21.01 -1.56 10.30
CA LYS A 106 -21.98 -1.03 11.24
C LYS A 106 -22.81 -2.17 11.79
N GLU A 107 -22.96 -3.23 11.02
CA GLU A 107 -23.63 -4.45 11.40
C GLU A 107 -22.71 -5.40 12.13
N GLY A 108 -21.47 -4.99 12.35
CA GLY A 108 -20.52 -5.82 13.05
C GLY A 108 -19.91 -6.98 12.33
N ARG A 109 -19.84 -6.90 11.02
CA ARG A 109 -19.30 -7.96 10.21
C ARG A 109 -17.94 -7.59 9.63
N CYS A 110 -17.09 -8.58 9.44
CA CYS A 110 -15.82 -8.46 8.76
C CYS A 110 -16.12 -8.54 7.21
N ALA A 111 -15.10 -8.71 6.36
CA ALA A 111 -15.25 -8.93 4.92
C ALA A 111 -15.83 -10.31 4.56
N GLN A 112 -16.89 -10.30 3.75
CA GLN A 112 -17.37 -11.47 3.02
C GLN A 112 -16.71 -11.57 1.62
N PRO A 113 -15.82 -12.57 1.40
CA PRO A 113 -15.19 -12.68 0.08
C PRO A 113 -16.17 -12.87 -1.08
N SER A 114 -15.88 -12.21 -2.20
CA SER A 114 -16.74 -12.20 -3.37
C SER A 114 -15.85 -12.10 -4.61
N ARG A 115 -16.44 -11.87 -5.78
CA ARG A 115 -15.65 -11.67 -6.98
C ARG A 115 -14.76 -10.41 -6.88
N THR A 116 -15.21 -9.39 -6.15
CA THR A 116 -14.50 -8.12 -6.02
C THR A 116 -13.71 -7.96 -4.72
N ILE A 117 -13.78 -8.97 -3.83
CA ILE A 117 -13.22 -8.89 -2.47
C ILE A 117 -12.58 -10.24 -2.12
N GLN A 118 -11.25 -10.27 -2.05
CA GLN A 118 -10.48 -11.50 -1.72
C GLN A 118 -9.27 -11.11 -0.87
N THR A 119 -8.72 -12.07 -0.13
CA THR A 119 -7.49 -11.82 0.66
C THR A 119 -6.25 -12.09 -0.18
N ILE A 120 -5.14 -11.48 0.21
CA ILE A 120 -3.83 -11.72 -0.40
C ILE A 120 -2.97 -12.45 0.62
N ALA A 121 -2.18 -13.41 0.13
CA ALA A 121 -1.28 -14.18 0.97
C ALA A 121 -0.09 -13.33 1.41
N LEU A 122 0.34 -13.55 2.65
CA LEU A 122 1.59 -13.00 3.14
C LEU A 122 2.72 -13.90 2.65
N PRO A 123 3.94 -13.35 2.52
CA PRO A 123 5.09 -14.20 2.19
C PRO A 123 5.50 -15.07 3.36
N SER A 124 6.27 -16.12 3.07
CA SER A 124 6.97 -16.87 4.11
C SER A 124 8.17 -16.03 4.53
N MET A 125 8.66 -16.23 5.75
CA MET A 125 9.58 -15.27 6.37
C MET A 125 10.89 -15.14 5.62
N TYR A 126 11.37 -13.90 5.53
CA TYR A 126 12.65 -13.57 4.88
C TYR A 126 12.79 -14.09 3.44
N ASN A 127 11.65 -14.36 2.78
CA ASN A 127 11.63 -14.95 1.44
C ASN A 127 11.00 -13.99 0.45
N ASP A 128 11.86 -13.32 -0.31
CA ASP A 128 11.45 -12.38 -1.37
C ASP A 128 11.97 -12.86 -2.71
N PRO A 129 11.37 -12.36 -3.82
CA PRO A 129 11.94 -12.68 -5.13
C PRO A 129 13.32 -12.05 -5.35
N GLN A 130 14.07 -12.59 -6.29
CA GLN A 130 15.39 -12.05 -6.62
C GLN A 130 15.26 -10.72 -7.35
N PHE A 131 16.33 -9.93 -7.30
CA PHE A 131 16.32 -8.62 -7.96
C PHE A 131 16.08 -8.80 -9.45
N GLY A 132 15.40 -7.81 -10.04
CA GLY A 132 14.97 -7.89 -11.41
C GLY A 132 13.64 -8.58 -11.64
N THR A 133 13.03 -9.18 -10.60
CA THR A 133 11.69 -9.75 -10.70
C THR A 133 10.68 -8.61 -10.90
N SER A 134 9.72 -8.83 -11.80
CA SER A 134 8.67 -7.85 -12.07
C SER A 134 7.54 -8.06 -11.08
N CYS A 135 7.13 -7.00 -10.40
CA CYS A 135 6.01 -7.03 -9.46
C CYS A 135 5.05 -5.92 -9.83
N GLU A 136 3.84 -5.97 -9.26
CA GLU A 136 2.79 -5.02 -9.59
C GLU A 136 2.42 -4.16 -8.38
N ILE A 137 2.08 -2.91 -8.66
CA ILE A 137 1.62 -1.96 -7.64
C ILE A 137 0.27 -1.40 -8.06
N THR A 138 -0.58 -1.10 -7.07
CA THR A 138 -1.95 -0.69 -7.32
C THR A 138 -2.32 0.49 -6.41
N GLY A 139 -3.09 1.44 -6.94
CA GLY A 139 -3.51 2.58 -6.14
C GLY A 139 -4.26 3.67 -6.87
N PHE A 140 -4.80 4.59 -6.08
CA PHE A 140 -5.53 5.78 -6.52
C PHE A 140 -4.64 7.04 -6.42
N GLY A 141 -3.32 6.87 -6.33
CA GLY A 141 -2.41 8.00 -6.18
C GLY A 141 -2.25 8.79 -7.46
N LYS A 142 -1.56 9.92 -7.36
CA LYS A 142 -1.39 10.84 -8.50
C LYS A 142 -0.84 10.16 -9.73
N GLU A 143 -1.31 10.62 -10.90
CA GLU A 143 -0.84 10.16 -12.21
C GLU A 143 0.35 10.95 -12.70
N GLN A 144 0.54 12.15 -12.16
CA GLN A 144 1.71 12.97 -12.39
C GLN A 144 2.05 13.73 -11.13
N SER A 145 3.34 13.94 -10.89
CA SER A 145 3.79 14.64 -9.68
C SER A 145 3.15 16.02 -9.54
N THR A 146 2.95 16.71 -10.66
CA THR A 146 2.36 18.05 -10.66
C THR A 146 0.83 18.08 -10.54
N ASP A 147 0.17 16.91 -10.61
CA ASP A 147 -1.30 16.88 -10.51
C ASP A 147 -1.80 17.41 -9.18
N TYR A 148 -2.94 18.09 -9.26
CA TYR A 148 -3.67 18.50 -8.07
C TYR A 148 -4.67 17.43 -7.63
N LEU A 149 -5.23 16.70 -8.60
CA LEU A 149 -6.24 15.69 -8.31
C LEU A 149 -5.64 14.29 -8.28
N TYR A 150 -6.37 13.40 -7.59
CA TYR A 150 -6.13 11.97 -7.71
C TYR A 150 -7.03 11.44 -8.84
N PRO A 151 -6.60 10.37 -9.53
CA PRO A 151 -7.46 9.74 -10.52
C PRO A 151 -8.72 9.18 -9.87
N GLU A 152 -9.79 9.19 -10.64
CA GLU A 152 -11.08 8.71 -10.20
C GLU A 152 -11.17 7.19 -10.34
N GLN A 153 -10.38 6.62 -11.27
CA GLN A 153 -10.35 5.19 -11.57
C GLN A 153 -9.06 4.59 -11.03
N LEU A 154 -9.17 3.41 -10.43
CA LEU A 154 -8.02 2.67 -9.91
C LEU A 154 -7.00 2.37 -11.00
N LYS A 155 -5.71 2.39 -10.64
CA LYS A 155 -4.60 2.12 -11.55
C LYS A 155 -3.66 1.04 -11.03
N MET A 156 -2.89 0.46 -11.95
CA MET A 156 -1.80 -0.42 -11.59
C MET A 156 -0.67 -0.34 -12.60
N THR A 157 0.51 -0.73 -12.17
CA THR A 157 1.65 -0.78 -13.05
C THR A 157 2.59 -1.89 -12.60
N VAL A 158 3.66 -2.07 -13.35
CA VAL A 158 4.68 -3.07 -13.07
C VAL A 158 5.98 -2.35 -12.79
N VAL A 159 6.67 -2.79 -11.74
CA VAL A 159 8.03 -2.32 -11.45
C VAL A 159 8.90 -3.53 -11.14
N LYS A 160 10.21 -3.35 -11.32
CA LYS A 160 11.19 -4.40 -11.07
C LYS A 160 11.93 -4.16 -9.76
N LEU A 161 12.00 -5.20 -8.93
CA LEU A 161 12.76 -5.19 -7.68
C LEU A 161 14.24 -4.87 -7.93
N ILE A 162 14.78 -4.02 -7.06
CA ILE A 162 16.17 -3.58 -7.10
C ILE A 162 16.86 -4.14 -5.87
N SER A 163 18.13 -4.48 -6.01
CA SER A 163 18.90 -5.08 -4.94
C SER A 163 19.19 -4.07 -3.89
N HIS A 164 19.38 -4.56 -2.67
CA HIS A 164 19.73 -3.67 -1.62
C HIS A 164 21.02 -2.97 -1.95
N ARG A 165 21.98 -3.67 -2.52
CA ARG A 165 23.27 -3.05 -2.74
C ARG A 165 23.14 -1.93 -3.73
N GLU A 166 22.33 -2.13 -4.74
CA GLU A 166 22.10 -1.10 -5.75
C GLU A 166 21.33 0.09 -5.17
N CYS A 167 20.30 -0.17 -4.36
CA CYS A 167 19.49 0.92 -3.80
C CYS A 167 20.26 1.72 -2.74
N GLN A 168 21.22 1.05 -2.09
CA GLN A 168 22.23 1.65 -1.20
C GLN A 168 23.15 2.71 -1.80
N GLN A 169 23.34 2.73 -3.12
CA GLN A 169 24.27 3.67 -3.75
C GLN A 169 23.91 5.10 -3.35
N PRO A 170 24.92 5.97 -3.17
CA PRO A 170 24.61 7.37 -2.83
C PRO A 170 23.79 8.08 -3.91
N HIS A 171 24.04 7.74 -5.18
CA HIS A 171 23.23 8.22 -6.31
C HIS A 171 21.75 7.86 -6.14
N TYR A 172 21.49 6.67 -5.61
CA TYR A 172 20.15 6.24 -5.25
C TYR A 172 19.78 6.83 -3.88
N TYR A 173 19.74 6.02 -2.82
CA TYR A 173 19.24 6.51 -1.52
C TYR A 173 20.25 6.44 -0.36
N GLY A 174 21.50 6.07 -0.62
CA GLY A 174 22.49 5.94 0.46
C GLY A 174 22.02 4.98 1.54
N SER A 175 22.12 5.43 2.79
CA SER A 175 21.71 4.63 3.96
C SER A 175 20.26 4.86 4.40
N GLU A 176 19.52 5.68 3.65
CA GLU A 176 18.08 5.89 3.90
C GLU A 176 17.32 4.55 3.77
N VAL A 177 17.80 3.67 2.90
CA VAL A 177 17.20 2.33 2.71
C VAL A 177 17.87 1.28 3.62
N THR A 178 17.04 0.56 4.36
CA THR A 178 17.47 -0.51 5.26
C THR A 178 17.08 -1.87 4.68
N THR A 179 17.52 -2.94 5.34
CA THR A 179 17.13 -4.30 4.96
C THR A 179 15.65 -4.62 5.24
N LYS A 180 14.97 -3.79 6.04
CA LYS A 180 13.52 -3.88 6.21
C LYS A 180 12.72 -3.14 5.14
N MET A 181 13.40 -2.56 4.14
CA MET A 181 12.76 -1.94 2.99
C MET A 181 13.12 -2.68 1.71
N LEU A 182 12.28 -2.53 0.68
CA LEU A 182 12.56 -3.03 -0.67
C LEU A 182 12.46 -1.84 -1.62
N CYS A 183 13.32 -1.83 -2.64
CA CYS A 183 13.27 -0.84 -3.71
C CYS A 183 12.75 -1.49 -4.97
N ALA A 184 12.01 -0.71 -5.77
CA ALA A 184 11.50 -1.18 -7.05
C ALA A 184 11.30 0.00 -7.98
N ALA A 185 11.55 -0.23 -9.27
CA ALA A 185 11.46 0.83 -10.26
C ALA A 185 11.40 0.27 -11.67
N ASP A 186 11.08 1.18 -12.59
CA ASP A 186 11.07 0.89 -14.00
C ASP A 186 12.48 1.11 -14.55
N PRO A 187 12.98 0.23 -15.43
CA PRO A 187 14.29 0.47 -16.05
C PRO A 187 14.43 1.84 -16.75
N GLN A 188 13.32 2.37 -17.28
CA GLN A 188 13.29 3.73 -17.88
C GLN A 188 12.82 4.84 -16.92
N TRP A 189 12.54 4.49 -15.66
CA TRP A 189 12.01 5.42 -14.65
C TRP A 189 10.68 6.07 -15.07
N LYS A 190 9.95 5.32 -15.90
CA LYS A 190 8.76 5.77 -16.66
C LYS A 190 7.45 5.58 -15.89
N THR A 191 7.44 4.67 -14.92
CA THR A 191 6.24 4.34 -14.16
C THR A 191 6.62 4.10 -12.68
N ASP A 192 5.72 4.40 -11.76
CA ASP A 192 6.06 4.45 -10.34
C ASP A 192 4.84 4.66 -9.47
N SER A 193 5.00 4.40 -8.17
CA SER A 193 4.04 4.85 -7.17
C SER A 193 4.25 6.35 -6.91
N CYS A 194 3.25 7.00 -6.35
CA CYS A 194 3.32 8.41 -6.01
C CYS A 194 2.43 8.73 -4.80
N GLN A 195 2.35 10.02 -4.44
CA GLN A 195 1.46 10.48 -3.38
C GLN A 195 0.05 9.95 -3.58
N GLY A 196 -0.53 9.40 -2.52
CA GLY A 196 -1.82 8.74 -2.58
C GLY A 196 -1.78 7.23 -2.77
N ASP A 197 -0.66 6.70 -3.28
CA ASP A 197 -0.46 5.25 -3.37
C ASP A 197 0.03 4.58 -2.09
N SER A 198 0.49 5.39 -1.13
CA SER A 198 1.02 4.90 0.15
C SER A 198 0.07 3.91 0.79
N GLY A 199 0.63 2.91 1.46
CA GLY A 199 -0.17 1.87 2.11
C GLY A 199 -0.62 0.74 1.21
N GLY A 200 -0.58 0.93 -0.11
CA GLY A 200 -1.05 -0.06 -1.04
C GLY A 200 -0.08 -1.20 -1.34
N PRO A 201 -0.54 -2.20 -2.09
CA PRO A 201 0.21 -3.43 -2.29
C PRO A 201 1.29 -3.39 -3.38
N LEU A 202 2.46 -3.95 -3.05
CA LEU A 202 3.40 -4.44 -4.04
C LEU A 202 3.24 -5.96 -4.04
N VAL A 203 2.76 -6.51 -5.15
CA VAL A 203 2.43 -7.94 -5.24
C VAL A 203 3.38 -8.63 -6.21
N CYS A 204 3.96 -9.72 -5.76
CA CYS A 204 4.84 -10.55 -6.59
C CYS A 204 4.33 -11.99 -6.61
N SER A 205 4.66 -12.70 -7.68
CA SER A 205 4.34 -14.12 -7.80
C SER A 205 5.54 -14.87 -7.24
N LEU A 206 5.33 -15.58 -6.14
CA LEU A 206 6.40 -16.32 -5.56
C LEU A 206 5.89 -17.70 -5.37
N GLN A 207 6.56 -18.68 -5.93
CA GLN A 207 6.17 -20.05 -5.66
C GLN A 207 4.77 -20.30 -6.17
N GLY A 208 4.42 -19.63 -7.23
CA GLY A 208 3.16 -19.84 -7.90
C GLY A 208 2.02 -19.23 -7.20
N ARG A 209 2.34 -18.27 -6.38
CA ARG A 209 1.34 -17.69 -5.49
C ARG A 209 1.49 -16.16 -5.50
N MET A 210 0.38 -15.45 -5.66
CA MET A 210 0.39 -13.99 -5.53
C MET A 210 0.58 -13.67 -4.05
N THR A 211 1.60 -12.86 -3.76
CA THR A 211 2.09 -12.63 -2.41
C THR A 211 2.26 -11.14 -2.15
N LEU A 212 1.83 -10.69 -0.96
CA LEU A 212 2.06 -9.30 -0.55
C LEU A 212 3.51 -9.10 -0.13
N THR A 213 4.35 -8.75 -1.10
CA THR A 213 5.79 -8.61 -0.88
C THR A 213 6.14 -7.26 -0.24
N GLY A 214 5.41 -6.21 -0.61
CA GLY A 214 5.68 -4.88 -0.07
C GLY A 214 4.46 -4.03 0.11
N ILE A 215 4.67 -2.93 0.85
CA ILE A 215 3.66 -1.91 1.09
C ILE A 215 4.27 -0.58 0.66
N VAL A 216 3.56 0.18 -0.17
CA VAL A 216 4.11 1.46 -0.68
C VAL A 216 4.41 2.36 0.53
N SER A 217 5.63 2.88 0.59
CA SER A 217 6.07 3.65 1.76
C SER A 217 6.58 5.04 1.40
N TRP A 218 7.67 5.12 0.67
CA TRP A 218 8.25 6.39 0.29
C TRP A 218 9.09 6.41 -0.99
N GLY A 219 9.37 7.60 -1.50
CA GLY A 219 10.32 7.85 -2.56
C GLY A 219 10.67 9.32 -2.68
N ARG A 220 11.73 9.68 -3.37
CA ARG A 220 12.02 11.07 -3.65
C ARG A 220 11.40 11.35 -5.00
N GLY A 221 10.42 12.24 -5.02
CA GLY A 221 9.68 12.56 -6.21
C GLY A 221 8.91 11.33 -6.66
N CYS A 222 8.43 11.33 -7.89
CA CYS A 222 7.82 10.18 -8.45
C CYS A 222 8.35 9.90 -9.87
N ALA A 223 8.72 8.66 -10.17
CA ALA A 223 9.22 8.33 -11.49
C ALA A 223 10.35 9.30 -11.89
N LEU A 224 11.29 9.47 -10.95
CA LEU A 224 12.50 10.28 -11.15
C LEU A 224 13.64 9.33 -11.37
N LYS A 225 14.57 9.70 -12.26
CA LYS A 225 15.77 8.90 -12.49
C LYS A 225 16.58 8.74 -11.19
N ASP A 226 17.08 7.52 -10.97
CA ASP A 226 17.84 7.13 -9.78
C ASP A 226 17.11 7.21 -8.43
N LYS A 227 15.78 7.30 -8.45
CA LYS A 227 15.00 7.45 -7.22
C LYS A 227 13.86 6.45 -7.24
N PRO A 228 14.16 5.19 -6.90
CA PRO A 228 13.10 4.17 -6.93
C PRO A 228 12.00 4.38 -5.89
N GLY A 229 10.92 3.64 -6.03
CA GLY A 229 9.91 3.58 -4.99
C GLY A 229 10.46 2.70 -3.89
N VAL A 230 10.12 3.04 -2.65
CA VAL A 230 10.55 2.27 -1.49
C VAL A 230 9.34 1.71 -0.77
N TYR A 231 9.47 0.45 -0.37
CA TYR A 231 8.37 -0.37 0.10
C TYR A 231 8.76 -1.01 1.41
N THR A 232 7.80 -1.16 2.30
CA THR A 232 8.02 -1.89 3.55
C THR A 232 8.13 -3.37 3.17
N ARG A 233 9.20 -4.00 3.61
CA ARG A 233 9.48 -5.38 3.27
C ARG A 233 8.66 -6.29 4.17
N VAL A 234 7.49 -6.70 3.69
CA VAL A 234 6.51 -7.47 4.49
C VAL A 234 7.10 -8.76 5.09
N SER A 235 8.00 -9.43 4.38
CA SER A 235 8.62 -10.67 4.87
C SER A 235 9.47 -10.51 6.14
N HIS A 236 9.86 -9.26 6.48
CA HIS A 236 10.60 -8.94 7.71
C HIS A 236 9.72 -8.48 8.89
N PHE A 237 8.40 -8.58 8.76
CA PHE A 237 7.46 -8.15 9.81
C PHE A 237 6.44 -9.21 10.19
N LEU A 238 6.65 -10.47 9.82
CA LEU A 238 5.63 -11.48 10.09
C LEU A 238 5.33 -11.70 11.58
N PRO A 239 6.35 -11.65 12.45
CA PRO A 239 6.05 -11.77 13.90
C PRO A 239 5.15 -10.62 14.39
N TRP A 240 5.48 -9.39 13.98
CA TRP A 240 4.69 -8.22 14.32
C TRP A 240 3.25 -8.36 13.81
N ILE A 241 3.09 -8.81 12.57
CA ILE A 241 1.76 -9.02 12.00
C ILE A 241 1.03 -10.11 12.77
N ARG A 242 1.70 -11.25 12.94
CA ARG A 242 1.11 -12.41 13.61
C ARG A 242 0.70 -12.08 15.05
N SER A 243 1.58 -11.42 15.78
CA SER A 243 1.31 -11.05 17.17
C SER A 243 0.10 -10.12 17.26
N HIS A 244 0.06 -9.09 16.41
CA HIS A 244 -1.02 -8.09 16.46
C HIS A 244 -2.35 -8.53 15.82
N THR A 245 -2.37 -9.67 15.13
CA THR A 245 -3.60 -10.27 14.62
C THR A 245 -3.90 -11.55 15.39
#